data_2ARC
#
_entry.id   2ARC
#
_cell.length_a   39.750
_cell.length_b   93.840
_cell.length_c   50.330
_cell.angle_alpha   90.00
_cell.angle_beta   95.62
_cell.angle_gamma   90.00
#
_symmetry.space_group_name_H-M   'P 1 21 1'
#
loop_
_entity.id
_entity.type
_entity.pdbx_description
1 polymer 'ARABINOSE OPERON REGULATORY PROTEIN'
2 non-polymer alpha-L-arabinopyranose
3 water water
#
_entity_poly.entity_id   1
_entity_poly.type   'polypeptide(L)'
_entity_poly.pdbx_seq_one_letter_code
;DPLLPGYSFNAHLVAGLTPIEANGYLDFFIDRPLGMKGYILNLTIRGQGVVKNQGREFVCRPGDILLFPPGEIHHYGRHP
EAREWYHQWVYFRPRAYWHEWLNWPSIFANTGFFRPDEAHQPHFSDLFGQIINAGQGEGRYSELLAINLLEQLLLRRMEA
INES
;
_entity_poly.pdbx_strand_id   A,B
#
loop_
_chem_comp.id
_chem_comp.type
_chem_comp.name
_chem_comp.formula
ARA L-saccharide, alpha linking alpha-L-arabinopyranose 'C5 H10 O5'
#
# COMPACT_ATOMS: atom_id res chain seq x y z
N ASP A 1 -27.50 1.14 3.62
CA ASP A 1 -26.78 -0.08 3.13
C ASP A 1 -26.30 0.18 1.70
N PRO A 2 -24.98 0.27 1.48
CA PRO A 2 -24.52 0.52 0.12
C PRO A 2 -24.92 -0.60 -0.83
N LEU A 3 -25.23 -1.77 -0.27
CA LEU A 3 -25.63 -2.94 -1.05
C LEU A 3 -27.03 -2.80 -1.63
N LEU A 4 -27.74 -1.77 -1.20
CA LEU A 4 -29.09 -1.54 -1.67
C LEU A 4 -29.17 -0.22 -2.40
N PRO A 5 -29.99 -0.15 -3.46
CA PRO A 5 -30.17 1.07 -4.24
C PRO A 5 -30.59 2.28 -3.39
N GLY A 6 -30.28 3.48 -3.89
CA GLY A 6 -30.61 4.69 -3.17
C GLY A 6 -29.48 5.23 -2.31
N TYR A 7 -28.44 4.42 -2.12
CA TYR A 7 -27.28 4.81 -1.32
C TYR A 7 -26.57 5.98 -1.99
N SER A 8 -26.08 6.90 -1.17
CA SER A 8 -25.41 8.09 -1.67
C SER A 8 -23.90 7.96 -1.80
N PHE A 9 -23.43 7.56 -2.98
CA PHE A 9 -22.01 7.44 -3.23
C PHE A 9 -21.52 8.83 -3.70
N ASN A 10 -20.62 9.47 -2.96
CA ASN A 10 -20.14 10.77 -3.43
C ASN A 10 -18.62 10.96 -3.44
N ALA A 11 -18.06 11.58 -2.41
CA ALA A 11 -16.62 11.81 -2.38
C ALA A 11 -15.82 10.84 -1.52
N HIS A 12 -16.51 10.15 -0.63
CA HIS A 12 -15.85 9.18 0.24
C HIS A 12 -15.70 7.84 -0.44
N LEU A 13 -14.59 7.17 -0.15
CA LEU A 13 -14.35 5.85 -0.68
C LEU A 13 -15.29 4.91 0.09
N VAL A 14 -15.90 3.98 -0.63
CA VAL A 14 -16.80 3.01 -0.02
C VAL A 14 -16.39 1.66 -0.59
N ALA A 15 -16.26 0.65 0.26
CA ALA A 15 -15.88 -0.69 -0.22
C ALA A 15 -16.75 -1.78 0.38
N GLY A 16 -16.84 -2.90 -0.29
CA GLY A 16 -17.62 -3.99 0.25
C GLY A 16 -17.61 -5.22 -0.63
N LEU A 17 -18.38 -6.21 -0.16
CA LEU A 17 -18.57 -7.47 -0.86
C LEU A 17 -20.08 -7.62 -1.04
N THR A 18 -20.48 -7.94 -2.26
CA THR A 18 -21.88 -8.17 -2.58
C THR A 18 -22.00 -9.67 -2.86
N PRO A 19 -22.46 -10.44 -1.85
CA PRO A 19 -22.60 -11.89 -2.00
C PRO A 19 -23.96 -12.24 -2.59
N ILE A 20 -24.10 -12.05 -3.90
CA ILE A 20 -25.37 -12.35 -4.55
C ILE A 20 -25.61 -13.87 -4.63
N GLU A 21 -26.75 -14.29 -4.10
N GLU A 21 -26.69 -14.31 -4.07
CA GLU A 21 -27.17 -15.69 -4.11
CA GLU A 21 -27.21 -15.66 -4.12
C GLU A 21 -28.50 -15.70 -4.85
C GLU A 21 -28.53 -15.63 -4.91
N ALA A 22 -28.70 -16.67 -5.74
CA ALA A 22 -29.97 -16.74 -6.50
C ALA A 22 -31.13 -16.77 -5.55
N ASN A 23 -32.08 -15.86 -5.77
CA ASN A 23 -33.32 -15.74 -4.96
C ASN A 23 -33.15 -15.17 -3.55
N GLY A 24 -31.93 -14.72 -3.25
CA GLY A 24 -31.64 -14.11 -1.95
C GLY A 24 -31.99 -12.62 -2.02
N TYR A 25 -31.75 -11.87 -0.95
CA TYR A 25 -32.11 -10.45 -0.94
C TYR A 25 -31.30 -9.53 -1.87
N LEU A 26 -30.14 -10.03 -2.33
CA LEU A 26 -29.29 -9.26 -3.22
C LEU A 26 -29.41 -9.68 -4.69
N ASP A 27 -30.37 -10.55 -4.99
CA ASP A 27 -30.55 -11.05 -6.34
C ASP A 27 -31.29 -10.12 -7.28
N PHE A 28 -30.66 -8.99 -7.60
CA PHE A 28 -31.21 -8.00 -8.51
C PHE A 28 -30.03 -7.33 -9.22
N PHE A 29 -30.32 -6.67 -10.34
CA PHE A 29 -29.29 -6.00 -11.10
C PHE A 29 -29.01 -4.61 -10.59
N ILE A 30 -27.75 -4.23 -10.49
N ILE A 30 -27.73 -4.31 -10.36
CA ILE A 30 -27.44 -2.87 -10.08
CA ILE A 30 -27.37 -2.91 -10.24
C ILE A 30 -27.66 -2.18 -11.44
C ILE A 30 -27.66 -2.15 -11.54
N ASP A 31 -28.37 -1.06 -11.40
CA ASP A 31 -28.76 -0.34 -12.59
C ASP A 31 -28.61 1.18 -12.40
N ARG A 32 -27.52 1.72 -12.92
CA ARG A 32 -27.22 3.15 -12.85
C ARG A 32 -26.94 3.52 -14.30
N PRO A 33 -28.02 3.80 -15.07
CA PRO A 33 -27.99 4.16 -16.49
C PRO A 33 -27.22 5.41 -16.89
N LEU A 34 -27.03 6.33 -15.96
CA LEU A 34 -26.27 7.54 -16.26
C LEU A 34 -24.94 7.54 -15.50
N GLY A 35 -24.59 6.39 -14.94
CA GLY A 35 -23.33 6.26 -14.23
C GLY A 35 -23.21 6.97 -12.89
N MET A 36 -21.98 7.11 -12.43
CA MET A 36 -21.68 7.72 -11.14
C MET A 36 -20.62 8.81 -11.26
N LYS A 37 -20.37 9.51 -10.16
CA LYS A 37 -19.39 10.58 -10.13
C LYS A 37 -17.98 10.00 -9.94
N GLY A 38 -17.90 8.86 -9.27
CA GLY A 38 -16.61 8.25 -9.03
C GLY A 38 -16.41 6.97 -9.81
N TYR A 39 -15.29 6.30 -9.53
CA TYR A 39 -14.91 5.05 -10.17
C TYR A 39 -15.29 3.85 -9.31
N ILE A 40 -15.53 2.70 -9.94
CA ILE A 40 -15.76 1.46 -9.20
C ILE A 40 -14.87 0.36 -9.80
N LEU A 41 -14.11 -0.30 -8.95
N LEU A 41 -13.95 -0.17 -8.99
CA LEU A 41 -13.26 -1.43 -9.34
CA LEU A 41 -13.24 -1.41 -9.29
C LEU A 41 -14.06 -2.63 -8.82
C LEU A 41 -14.06 -2.63 -8.87
N ASN A 42 -14.17 -3.69 -9.60
CA ASN A 42 -14.98 -4.85 -9.21
C ASN A 42 -14.21 -6.14 -9.48
N LEU A 43 -14.09 -6.99 -8.46
CA LEU A 43 -13.43 -8.28 -8.61
C LEU A 43 -14.42 -9.40 -8.33
N THR A 44 -14.56 -10.32 -9.27
CA THR A 44 -15.45 -11.45 -9.06
C THR A 44 -14.69 -12.50 -8.24
N ILE A 45 -15.30 -12.99 -7.16
CA ILE A 45 -14.62 -13.99 -6.35
C ILE A 45 -15.33 -15.33 -6.28
N ARG A 46 -16.57 -15.38 -6.75
CA ARG A 46 -17.37 -16.60 -6.75
C ARG A 46 -18.53 -16.49 -7.73
N GLY A 47 -18.83 -17.58 -8.41
CA GLY A 47 -19.93 -17.59 -9.35
C GLY A 47 -19.61 -16.82 -10.61
N GLN A 48 -20.65 -16.25 -11.23
CA GLN A 48 -20.47 -15.49 -12.45
C GLN A 48 -21.46 -14.34 -12.54
N GLY A 49 -21.03 -13.23 -13.11
CA GLY A 49 -21.92 -12.10 -13.28
C GLY A 49 -22.07 -11.83 -14.78
N VAL A 50 -23.08 -11.04 -15.12
CA VAL A 50 -23.29 -10.63 -16.49
C VAL A 50 -23.32 -9.11 -16.43
N VAL A 51 -22.42 -8.50 -17.20
CA VAL A 51 -22.28 -7.05 -17.27
C VAL A 51 -22.89 -6.66 -18.60
N LYS A 52 -23.85 -5.75 -18.56
CA LYS A 52 -24.56 -5.34 -19.75
C LYS A 52 -24.34 -3.88 -20.10
N ASN A 53 -24.41 -3.59 -21.39
CA ASN A 53 -24.23 -2.22 -21.85
C ASN A 53 -24.88 -2.04 -23.20
N GLN A 54 -26.03 -1.38 -23.17
CA GLN A 54 -26.83 -1.09 -24.36
C GLN A 54 -26.99 -2.29 -25.29
N GLY A 55 -27.44 -3.40 -24.70
CA GLY A 55 -27.66 -4.62 -25.45
C GLY A 55 -26.54 -5.64 -25.39
N ARG A 56 -25.32 -5.18 -25.20
CA ARG A 56 -24.18 -6.07 -25.14
C ARG A 56 -24.09 -6.73 -23.77
N GLU A 57 -23.47 -7.91 -23.73
CA GLU A 57 -23.32 -8.66 -22.49
C GLU A 57 -21.91 -9.22 -22.38
N PHE A 58 -21.38 -9.23 -21.16
CA PHE A 58 -20.06 -9.78 -20.89
C PHE A 58 -20.15 -10.62 -19.61
N VAL A 59 -19.74 -11.87 -19.70
CA VAL A 59 -19.78 -12.78 -18.55
C VAL A 59 -18.46 -12.69 -17.80
N CYS A 60 -18.51 -12.23 -16.55
CA CYS A 60 -17.32 -12.12 -15.73
C CYS A 60 -17.26 -13.29 -14.77
N ARG A 61 -16.05 -13.82 -14.59
CA ARG A 61 -15.82 -14.96 -13.72
C ARG A 61 -14.75 -14.68 -12.66
N PRO A 62 -14.60 -15.59 -11.65
CA PRO A 62 -13.62 -15.39 -10.58
C PRO A 62 -12.25 -15.02 -11.11
N GLY A 63 -11.73 -13.90 -10.60
CA GLY A 63 -10.42 -13.43 -11.01
C GLY A 63 -10.46 -12.28 -11.99
N ASP A 64 -11.64 -12.00 -12.55
CA ASP A 64 -11.80 -10.89 -13.49
C ASP A 64 -11.98 -9.58 -12.71
N ILE A 65 -11.26 -8.55 -13.13
CA ILE A 65 -11.35 -7.23 -12.52
C ILE A 65 -11.89 -6.26 -13.58
N LEU A 66 -12.97 -5.57 -13.22
CA LEU A 66 -13.62 -4.62 -14.10
C LEU A 66 -13.48 -3.23 -13.55
N LEU A 67 -13.38 -2.25 -14.44
CA LEU A 67 -13.25 -0.86 -14.05
C LEU A 67 -14.35 0.00 -14.68
N PHE A 68 -15.15 0.65 -13.83
CA PHE A 68 -16.23 1.52 -14.30
C PHE A 68 -15.87 2.97 -14.02
N PRO A 69 -15.50 3.74 -15.04
CA PRO A 69 -15.15 5.14 -14.79
C PRO A 69 -16.39 6.00 -14.56
N PRO A 70 -16.19 7.26 -14.12
CA PRO A 70 -17.32 8.15 -13.88
C PRO A 70 -18.19 8.29 -15.15
N GLY A 71 -19.52 8.30 -14.96
CA GLY A 71 -20.44 8.43 -16.07
C GLY A 71 -20.69 7.15 -16.87
N GLU A 72 -19.91 6.12 -16.62
CA GLU A 72 -20.09 4.85 -17.29
C GLU A 72 -21.38 4.17 -16.79
N ILE A 73 -22.09 3.52 -17.71
CA ILE A 73 -23.29 2.78 -17.37
C ILE A 73 -22.94 1.65 -16.38
N HIS A 74 -23.75 1.47 -15.34
CA HIS A 74 -23.59 0.32 -14.44
C HIS A 74 -24.85 -0.50 -14.65
N HIS A 75 -24.72 -1.68 -15.23
CA HIS A 75 -25.86 -2.58 -15.40
C HIS A 75 -25.30 -3.98 -15.32
N TYR A 76 -25.39 -4.57 -14.16
CA TYR A 76 -24.83 -5.90 -13.96
C TYR A 76 -25.47 -6.64 -12.79
N GLY A 77 -25.44 -7.97 -12.89
CA GLY A 77 -26.02 -8.81 -11.87
C GLY A 77 -25.60 -10.24 -12.09
N ARG A 78 -26.13 -11.11 -11.25
CA ARG A 78 -25.84 -12.54 -11.32
C ARG A 78 -26.13 -13.07 -12.71
N HIS A 79 -25.22 -13.90 -13.22
CA HIS A 79 -25.42 -14.51 -14.51
C HIS A 79 -26.55 -15.53 -14.32
N PRO A 80 -27.53 -15.54 -15.23
CA PRO A 80 -28.67 -16.46 -15.16
C PRO A 80 -28.33 -17.96 -15.02
N GLU A 81 -27.17 -18.35 -15.52
CA GLU A 81 -26.76 -19.75 -15.45
C GLU A 81 -25.92 -20.06 -14.23
N ALA A 82 -25.70 -19.07 -13.36
CA ALA A 82 -24.90 -19.25 -12.14
C ALA A 82 -25.78 -19.15 -10.92
N ARG A 83 -25.41 -19.87 -9.86
CA ARG A 83 -26.19 -19.85 -8.62
C ARG A 83 -25.86 -18.67 -7.75
N GLU A 84 -24.74 -18.02 -8.04
CA GLU A 84 -24.34 -16.87 -7.24
C GLU A 84 -23.36 -15.99 -8.02
N TRP A 85 -23.14 -14.80 -7.49
CA TRP A 85 -22.16 -13.89 -8.05
C TRP A 85 -21.69 -13.03 -6.89
N TYR A 86 -20.60 -13.48 -6.27
CA TYR A 86 -20.00 -12.74 -5.18
C TYR A 86 -18.92 -11.87 -5.79
N HIS A 87 -18.99 -10.58 -5.54
CA HIS A 87 -17.99 -9.69 -6.07
C HIS A 87 -17.60 -8.66 -5.02
N GLN A 88 -16.31 -8.35 -4.96
CA GLN A 88 -15.84 -7.31 -4.05
C GLN A 88 -15.76 -6.05 -4.91
N TRP A 89 -15.94 -4.90 -4.29
CA TRP A 89 -15.93 -3.67 -5.07
C TRP A 89 -15.47 -2.49 -4.23
N VAL A 90 -14.98 -1.47 -4.92
CA VAL A 90 -14.53 -0.26 -4.27
C VAL A 90 -14.86 0.94 -5.14
N TYR A 91 -15.61 1.87 -4.53
CA TYR A 91 -16.03 3.12 -5.14
C TYR A 91 -15.00 4.16 -4.68
N PHE A 92 -14.46 4.93 -5.61
CA PHE A 92 -13.44 5.91 -5.25
C PHE A 92 -13.25 7.09 -6.17
N ARG A 93 -12.59 8.11 -5.66
CA ARG A 93 -12.22 9.28 -6.43
C ARG A 93 -10.72 9.04 -6.45
N PRO A 94 -10.11 9.06 -7.64
CA PRO A 94 -8.67 8.82 -7.75
C PRO A 94 -7.73 9.97 -7.38
N ARG A 95 -6.48 9.64 -7.08
CA ARG A 95 -5.49 10.68 -6.82
C ARG A 95 -5.19 11.15 -8.24
N ALA A 96 -4.81 12.41 -8.39
CA ALA A 96 -4.57 12.98 -9.71
C ALA A 96 -3.63 12.20 -10.62
N TYR A 97 -2.54 11.70 -10.05
CA TYR A 97 -1.54 10.99 -10.83
C TYR A 97 -1.86 9.53 -11.16
N TRP A 98 -3.05 9.09 -10.78
CA TRP A 98 -3.48 7.72 -11.05
C TRP A 98 -4.04 7.56 -12.45
N HIS A 99 -4.44 8.65 -13.06
CA HIS A 99 -5.09 8.57 -14.36
C HIS A 99 -4.34 7.82 -15.44
N GLU A 100 -3.01 7.93 -15.42
CA GLU A 100 -2.20 7.25 -16.42
C GLU A 100 -2.25 5.75 -16.22
N TRP A 101 -2.75 5.33 -15.05
CA TRP A 101 -2.83 3.91 -14.71
C TRP A 101 -4.27 3.40 -14.76
N LEU A 102 -5.17 4.23 -15.29
CA LEU A 102 -6.57 3.86 -15.35
C LEU A 102 -7.11 3.66 -16.76
N ASN A 103 -6.23 3.62 -17.74
CA ASN A 103 -6.67 3.45 -19.12
C ASN A 103 -6.50 1.99 -19.51
N TRP A 104 -7.49 1.20 -19.12
CA TRP A 104 -7.46 -0.22 -19.37
C TRP A 104 -8.19 -0.59 -20.65
N PRO A 105 -7.81 -1.74 -21.28
CA PRO A 105 -8.52 -2.14 -22.52
C PRO A 105 -9.98 -2.35 -22.05
N SER A 106 -10.95 -1.99 -22.89
N SER A 106 -11.08 -2.05 -22.89
CA SER A 106 -12.36 -2.12 -22.51
CA SER A 106 -12.44 -2.26 -22.39
C SER A 106 -13.14 -3.26 -23.16
C SER A 106 -13.22 -3.37 -23.08
N ILE A 107 -14.05 -3.87 -22.38
CA ILE A 107 -14.89 -4.96 -22.87
C ILE A 107 -15.96 -4.39 -23.82
N PHE A 108 -16.29 -3.11 -23.58
CA PHE A 108 -17.23 -2.32 -24.38
C PHE A 108 -17.26 -0.91 -23.80
N ALA A 109 -17.72 0.05 -24.59
CA ALA A 109 -17.78 1.45 -24.19
C ALA A 109 -16.44 1.78 -23.51
N ASN A 110 -16.47 2.20 -22.25
CA ASN A 110 -15.23 2.50 -21.54
C ASN A 110 -15.14 1.72 -20.22
N THR A 111 -15.67 0.50 -20.21
CA THR A 111 -15.66 -0.39 -19.05
C THR A 111 -14.40 -1.23 -19.15
N GLY A 112 -13.40 -0.88 -18.35
CA GLY A 112 -12.11 -1.56 -18.38
C GLY A 112 -12.10 -2.98 -17.87
N PHE A 113 -11.13 -3.75 -18.36
CA PHE A 113 -10.98 -5.16 -17.96
C PHE A 113 -9.53 -5.53 -17.69
N PHE A 114 -9.32 -6.32 -16.64
CA PHE A 114 -8.01 -6.82 -16.28
C PHE A 114 -8.11 -8.18 -15.62
N ARG A 115 -7.46 -9.18 -16.23
CA ARG A 115 -7.46 -10.50 -15.63
C ARG A 115 -6.01 -10.88 -15.41
N PRO A 116 -5.58 -10.88 -14.14
CA PRO A 116 -4.19 -11.25 -13.83
C PRO A 116 -3.92 -12.69 -14.29
N ASP A 117 -2.70 -12.99 -14.71
CA ASP A 117 -2.43 -14.37 -15.11
C ASP A 117 -2.49 -15.28 -13.87
N GLU A 118 -2.51 -16.59 -14.08
CA GLU A 118 -2.64 -17.53 -12.97
C GLU A 118 -1.65 -17.31 -11.84
N ALA A 119 -0.44 -16.89 -12.20
CA ALA A 119 0.62 -16.63 -11.23
C ALA A 119 0.38 -15.39 -10.37
N HIS A 120 -0.21 -14.36 -10.98
CA HIS A 120 -0.49 -13.10 -10.29
C HIS A 120 -1.84 -13.09 -9.56
N GLN A 121 -2.73 -13.99 -9.98
CA GLN A 121 -4.08 -14.10 -9.42
C GLN A 121 -4.19 -14.06 -7.88
N PRO A 122 -3.50 -14.97 -7.18
CA PRO A 122 -3.63 -14.92 -5.72
C PRO A 122 -3.21 -13.59 -5.07
N HIS A 123 -2.15 -12.98 -5.58
CA HIS A 123 -1.70 -11.71 -5.02
C HIS A 123 -2.74 -10.60 -5.20
N PHE A 124 -3.32 -10.51 -6.39
CA PHE A 124 -4.35 -9.49 -6.67
C PHE A 124 -5.62 -9.72 -5.85
N SER A 125 -6.00 -10.98 -5.69
CA SER A 125 -7.18 -11.31 -4.90
C SER A 125 -6.87 -10.89 -3.46
N ASP A 126 -5.69 -11.25 -2.98
CA ASP A 126 -5.26 -10.90 -1.63
C ASP A 126 -5.31 -9.38 -1.43
N LEU A 127 -4.75 -8.64 -2.38
CA LEU A 127 -4.73 -7.18 -2.31
C LEU A 127 -6.13 -6.56 -2.28
N PHE A 128 -7.03 -7.07 -3.14
CA PHE A 128 -8.39 -6.55 -3.20
C PHE A 128 -9.08 -6.77 -1.85
N GLY A 129 -8.86 -7.94 -1.24
CA GLY A 129 -9.44 -8.22 0.06
C GLY A 129 -8.96 -7.20 1.10
N GLN A 130 -7.68 -6.83 1.01
CA GLN A 130 -7.11 -5.85 1.95
C GLN A 130 -7.76 -4.49 1.73
N ILE A 131 -8.05 -4.16 0.47
CA ILE A 131 -8.71 -2.89 0.17
C ILE A 131 -10.07 -2.84 0.88
N ILE A 132 -10.86 -3.88 0.73
CA ILE A 132 -12.19 -3.95 1.36
C ILE A 132 -12.06 -3.85 2.87
N ASN A 133 -11.08 -4.56 3.43
CA ASN A 133 -10.85 -4.53 4.87
C ASN A 133 -10.53 -3.14 5.35
N ALA A 134 -9.60 -2.48 4.67
CA ALA A 134 -9.20 -1.14 5.04
C ALA A 134 -10.37 -0.18 4.88
N GLY A 135 -11.03 -0.25 3.72
CA GLY A 135 -12.16 0.62 3.45
C GLY A 135 -13.32 0.50 4.42
N GLN A 136 -13.50 -0.67 5.01
CA GLN A 136 -14.61 -0.84 5.95
C GLN A 136 -14.23 -0.60 7.40
N GLY A 137 -12.94 -0.45 7.65
CA GLY A 137 -12.47 -0.23 9.00
C GLY A 137 -12.87 1.10 9.58
N GLU A 138 -12.69 1.21 10.90
CA GLU A 138 -13.01 2.42 11.63
C GLU A 138 -11.72 3.22 11.87
N GLY A 139 -11.87 4.51 12.15
CA GLY A 139 -10.70 5.31 12.41
C GLY A 139 -10.57 6.38 11.37
N ARG A 140 -9.63 7.28 11.58
CA ARG A 140 -9.41 8.39 10.66
C ARG A 140 -8.52 8.01 9.48
N TYR A 141 -8.03 6.78 9.45
CA TYR A 141 -7.11 6.36 8.39
C TYR A 141 -7.58 5.18 7.55
N SER A 142 -8.77 4.68 7.83
CA SER A 142 -9.30 3.54 7.08
C SER A 142 -9.42 3.85 5.59
N GLU A 143 -9.95 5.03 5.28
CA GLU A 143 -10.13 5.46 3.90
C GLU A 143 -8.79 5.72 3.19
N LEU A 144 -7.86 6.38 3.88
CA LEU A 144 -6.55 6.66 3.30
C LEU A 144 -5.80 5.38 3.02
N LEU A 145 -5.96 4.39 3.90
N LEU A 145 -5.93 4.44 3.89
CA LEU A 145 -5.32 3.10 3.74
CA LEU A 145 -5.31 3.14 3.72
C LEU A 145 -5.89 2.38 2.52
C LEU A 145 -5.91 2.46 2.48
N ALA A 146 -7.21 2.46 2.37
CA ALA A 146 -7.89 1.82 1.23
C ALA A 146 -7.44 2.46 -0.06
N ILE A 147 -7.28 3.78 -0.03
CA ILE A 147 -6.82 4.54 -1.20
C ILE A 147 -5.38 4.09 -1.51
N ASN A 148 -4.60 3.89 -0.45
CA ASN A 148 -3.22 3.46 -0.58
C ASN A 148 -3.13 2.08 -1.21
N LEU A 149 -3.95 1.15 -0.72
CA LEU A 149 -3.95 -0.23 -1.21
C LEU A 149 -4.45 -0.31 -2.66
N LEU A 150 -5.34 0.60 -2.99
CA LEU A 150 -5.90 0.73 -4.34
C LEU A 150 -4.77 1.21 -5.27
N GLU A 151 -4.02 2.21 -4.84
CA GLU A 151 -2.89 2.69 -5.65
C GLU A 151 -1.90 1.52 -5.86
N GLN A 152 -1.68 0.71 -4.83
CA GLN A 152 -0.80 -0.43 -4.97
C GLN A 152 -1.30 -1.37 -6.08
N LEU A 153 -2.59 -1.68 -6.07
CA LEU A 153 -3.16 -2.58 -7.08
C LEU A 153 -2.93 -1.99 -8.47
N LEU A 154 -3.19 -0.70 -8.62
CA LEU A 154 -2.99 -0.03 -9.91
C LEU A 154 -1.55 -0.15 -10.37
N LEU A 155 -0.61 0.05 -9.45
CA LEU A 155 0.82 -0.07 -9.76
C LEU A 155 1.26 -1.51 -10.09
N ARG A 156 0.73 -2.48 -9.35
CA ARG A 156 1.05 -3.90 -9.59
C ARG A 156 0.54 -4.32 -10.97
N ARG A 157 -0.59 -3.77 -11.41
CA ARG A 157 -1.11 -4.10 -12.74
C ARG A 157 -0.17 -3.51 -13.78
N MET A 158 0.20 -2.24 -13.61
CA MET A 158 1.12 -1.57 -14.56
C MET A 158 2.40 -2.39 -14.68
N GLU A 159 2.86 -2.87 -13.53
CA GLU A 159 4.04 -3.67 -13.48
C GLU A 159 3.83 -5.06 -14.09
N ALA A 160 2.66 -5.64 -13.89
CA ALA A 160 2.38 -6.96 -14.42
C ALA A 160 2.19 -7.01 -15.95
N ILE A 161 1.82 -5.88 -16.57
CA ILE A 161 1.62 -5.85 -18.02
C ILE A 161 2.77 -5.22 -18.83
N ASP B 1 28.12 1.48 -4.21
CA ASP B 1 27.53 0.64 -3.13
C ASP B 1 26.89 1.58 -2.08
N PRO B 2 25.55 1.55 -1.95
CA PRO B 2 24.84 2.42 -0.98
C PRO B 2 25.20 2.10 0.47
N LEU B 3 25.75 0.90 0.71
CA LEU B 3 26.12 0.47 2.05
C LEU B 3 27.44 1.03 2.53
N LEU B 4 28.13 1.76 1.67
CA LEU B 4 29.44 2.32 2.00
C LEU B 4 29.50 3.80 1.69
N PRO B 5 30.36 4.54 2.43
CA PRO B 5 30.52 5.98 2.21
C PRO B 5 30.83 6.25 0.74
N GLY B 6 30.56 7.44 0.28
CA GLY B 6 30.83 7.77 -1.12
C GLY B 6 29.58 7.77 -1.97
N TYR B 7 28.56 7.05 -1.55
CA TYR B 7 27.31 6.99 -2.30
C TYR B 7 26.54 8.29 -2.18
N SER B 8 25.87 8.68 -3.26
CA SER B 8 25.10 9.91 -3.29
C SER B 8 23.60 9.65 -3.18
N PHE B 9 23.00 10.13 -2.09
CA PHE B 9 21.55 10.00 -1.87
C PHE B 9 20.97 11.38 -2.13
N ASN B 10 19.97 11.48 -2.99
CA ASN B 10 19.39 12.78 -3.24
C ASN B 10 17.89 12.78 -3.57
N ALA B 11 17.54 12.57 -4.84
CA ALA B 11 16.13 12.63 -5.25
C ALA B 11 15.38 11.30 -5.34
N HIS B 12 16.11 10.25 -5.61
CA HIS B 12 15.50 8.95 -5.73
C HIS B 12 15.44 8.19 -4.42
N LEU B 13 14.41 7.37 -4.30
CA LEU B 13 14.22 6.53 -3.12
C LEU B 13 15.31 5.47 -3.27
N VAL B 14 15.96 5.12 -2.14
CA VAL B 14 17.00 4.10 -2.13
C VAL B 14 16.68 3.30 -0.90
N ALA B 15 16.76 1.97 -1.00
CA ALA B 15 16.46 1.09 0.13
C ALA B 15 17.45 -0.07 0.16
N GLY B 16 17.66 -0.63 1.35
CA GLY B 16 18.57 -1.76 1.48
C GLY B 16 18.65 -2.33 2.88
N LEU B 17 19.50 -3.35 3.02
CA LEU B 17 19.74 -3.99 4.30
C LEU B 17 21.25 -3.88 4.59
N THR B 18 21.60 -3.35 5.74
CA THR B 18 22.98 -3.21 6.15
C THR B 18 23.26 -4.27 7.23
N PRO B 19 23.91 -5.37 6.85
CA PRO B 19 24.21 -6.44 7.80
C PRO B 19 25.56 -6.27 8.50
N ILE B 20 25.64 -5.35 9.44
CA ILE B 20 26.89 -5.13 10.17
C ILE B 20 27.28 -6.32 11.06
N GLU B 21 28.52 -6.80 10.90
CA GLU B 21 29.05 -7.89 11.72
C GLU B 21 30.37 -7.40 12.28
N ALA B 22 30.56 -7.60 13.58
CA ALA B 22 31.76 -7.15 14.25
C ALA B 22 33.02 -7.55 13.51
N ASN B 23 33.90 -6.57 13.32
CA ASN B 23 35.20 -6.71 12.65
C ASN B 23 35.13 -6.88 11.15
N GLY B 24 33.92 -6.89 10.58
CA GLY B 24 33.72 -7.05 9.16
C GLY B 24 33.79 -5.75 8.37
N TYR B 25 33.62 -5.81 7.05
CA TYR B 25 33.73 -4.63 6.18
C TYR B 25 32.68 -3.53 6.40
N LEU B 26 31.63 -3.83 7.15
CA LEU B 26 30.58 -2.84 7.43
C LEU B 26 30.65 -2.40 8.88
N ASP B 27 31.67 -2.85 9.60
CA ASP B 27 31.80 -2.51 11.01
C ASP B 27 32.39 -1.13 11.28
N PHE B 28 31.64 -0.09 10.92
CA PHE B 28 32.01 1.30 11.12
C PHE B 28 30.72 2.08 11.35
N PHE B 29 30.83 3.26 11.95
CA PHE B 29 29.65 4.08 12.21
C PHE B 29 29.26 4.91 11.01
N ILE B 30 27.96 4.99 10.73
N ILE B 30 27.92 4.81 10.67
CA ILE B 30 27.53 5.85 9.64
CA ILE B 30 27.44 5.86 9.78
C ILE B 30 27.65 7.21 10.35
C ILE B 30 27.64 7.25 10.41
N ASP B 31 28.35 8.13 9.71
CA ASP B 31 28.67 9.43 10.29
C ASP B 31 28.42 10.57 9.32
N ARG B 32 27.23 11.13 9.41
CA ARG B 32 26.82 12.24 8.54
C ARG B 32 26.40 13.35 9.49
N PRO B 33 27.40 14.11 9.99
CA PRO B 33 27.16 15.22 10.92
C PRO B 33 26.24 16.38 10.45
N LEU B 34 26.21 16.63 9.13
CA LEU B 34 25.39 17.70 8.56
C LEU B 34 24.00 17.21 8.18
N GLY B 35 23.76 15.91 8.32
CA GLY B 35 22.47 15.39 7.96
C GLY B 35 22.33 15.12 6.48
N MET B 36 21.14 14.68 6.07
CA MET B 36 20.88 14.35 4.68
C MET B 36 19.81 15.21 4.05
N LYS B 37 19.70 15.09 2.74
CA LYS B 37 18.76 15.86 1.96
C LYS B 37 17.33 15.33 2.05
N GLY B 38 17.20 14.05 2.38
CA GLY B 38 15.91 13.41 2.51
C GLY B 38 15.80 12.69 3.84
N TYR B 39 14.73 11.89 3.97
CA TYR B 39 14.44 11.12 5.19
C TYR B 39 14.98 9.72 5.13
N ILE B 40 15.20 9.12 6.30
CA ILE B 40 15.59 7.70 6.38
C ILE B 40 14.78 7.04 7.48
N LEU B 41 14.20 5.89 7.14
N LEU B 41 14.03 6.01 7.04
CA LEU B 41 13.44 5.08 8.07
CA LEU B 41 13.49 5.06 8.00
C LEU B 41 14.36 3.87 8.27
C LEU B 41 14.46 3.89 8.23
N ASN B 42 14.56 3.47 9.52
CA ASN B 42 15.48 2.39 9.88
C ASN B 42 14.82 1.36 10.79
N LEU B 43 14.80 0.10 10.35
CA LEU B 43 14.24 -0.99 11.14
C LEU B 43 15.37 -1.97 11.52
N THR B 44 15.57 -2.18 12.82
CA THR B 44 16.57 -3.12 13.30
C THR B 44 15.95 -4.50 13.21
N ILE B 45 16.68 -5.44 12.62
CA ILE B 45 16.16 -6.81 12.48
C ILE B 45 16.97 -7.87 13.25
N ARG B 46 18.20 -7.54 13.62
CA ARG B 46 19.06 -8.48 14.36
C ARG B 46 20.16 -7.69 15.04
N GLY B 47 20.55 -8.16 16.23
CA GLY B 47 21.60 -7.49 16.97
C GLY B 47 21.13 -6.21 17.65
N GLN B 48 22.05 -5.30 17.88
CA GLN B 48 21.72 -4.05 18.53
C GLN B 48 22.60 -2.94 17.98
N GLY B 49 22.03 -1.74 17.89
CA GLY B 49 22.78 -0.61 17.39
C GLY B 49 22.78 0.47 18.46
N VAL B 50 23.71 1.41 18.36
CA VAL B 50 23.74 2.53 19.30
C VAL B 50 23.63 3.79 18.44
N VAL B 51 22.61 4.59 18.71
CA VAL B 51 22.37 5.83 17.99
C VAL B 51 22.88 6.97 18.88
N LYS B 52 23.77 7.80 18.33
CA LYS B 52 24.37 8.90 19.06
C LYS B 52 23.94 10.24 18.54
N ASN B 53 23.75 11.17 19.45
CA ASN B 53 23.36 12.50 19.03
C ASN B 53 23.79 13.47 20.11
N GLN B 54 24.86 14.19 19.82
CA GLN B 54 25.40 15.20 20.72
C GLN B 54 25.53 14.73 22.17
N GLY B 55 26.35 13.72 22.39
CA GLY B 55 26.58 13.21 23.74
C GLY B 55 25.58 12.21 24.25
N ARG B 56 24.41 12.15 23.63
CA ARG B 56 23.39 11.20 24.05
C ARG B 56 23.47 9.92 23.21
N GLU B 57 23.05 8.81 23.82
CA GLU B 57 23.04 7.52 23.14
C GLU B 57 21.71 6.79 23.37
N PHE B 58 21.29 6.04 22.36
CA PHE B 58 20.06 5.26 22.46
C PHE B 58 20.33 3.89 21.86
N VAL B 59 19.97 2.84 22.58
CA VAL B 59 20.17 1.49 22.10
C VAL B 59 18.93 0.98 21.36
N CYS B 60 19.08 0.70 20.08
CA CYS B 60 17.98 0.19 19.29
C CYS B 60 18.09 -1.33 19.21
N ARG B 61 16.94 -2.00 19.20
CA ARG B 61 16.86 -3.46 19.21
C ARG B 61 15.89 -3.99 18.13
N PRO B 62 15.96 -5.30 17.82
CA PRO B 62 15.09 -5.89 16.79
C PRO B 62 13.62 -5.47 16.97
N GLY B 63 13.04 -4.94 15.90
CA GLY B 63 11.65 -4.48 15.96
C GLY B 63 11.51 -2.96 16.09
N ASP B 64 12.57 -2.26 16.50
CA ASP B 64 12.51 -0.81 16.64
C ASP B 64 12.68 -0.12 15.29
N ILE B 65 11.86 0.90 15.05
CA ILE B 65 11.95 1.68 13.82
C ILE B 65 12.28 3.15 14.18
N LEU B 66 13.31 3.66 13.50
CA LEU B 66 13.80 5.02 13.71
C LEU B 66 13.49 5.87 12.49
N LEU B 67 13.31 7.17 12.72
CA LEU B 67 13.03 8.12 11.65
C LEU B 67 14.02 9.30 11.73
N PHE B 68 14.78 9.51 10.64
CA PHE B 68 15.77 10.59 10.56
C PHE B 68 15.31 11.60 9.51
N PRO B 69 14.88 12.79 9.94
CA PRO B 69 14.44 13.79 8.95
C PRO B 69 15.63 14.48 8.31
N PRO B 70 15.40 15.23 7.21
CA PRO B 70 16.47 15.95 6.50
C PRO B 70 17.21 16.87 7.49
N GLY B 71 18.54 16.92 7.36
CA GLY B 71 19.37 17.76 8.21
C GLY B 71 19.74 17.15 9.57
N GLU B 72 18.95 16.18 10.01
CA GLU B 72 19.21 15.53 11.28
C GLU B 72 20.56 14.79 11.25
N ILE B 73 21.27 14.80 12.36
CA ILE B 73 22.53 14.10 12.45
C ILE B 73 22.31 12.59 12.27
N HIS B 74 23.21 11.96 11.55
CA HIS B 74 23.19 10.51 11.43
C HIS B 74 24.52 10.09 12.07
N HIS B 75 24.44 9.44 13.23
CA HIS B 75 25.63 8.92 13.87
C HIS B 75 25.22 7.66 14.60
N TYR B 76 25.36 6.52 13.93
CA TYR B 76 24.93 5.27 14.53
C TYR B 76 25.73 4.09 13.98
N GLY B 77 25.78 3.02 14.75
CA GLY B 77 26.53 1.86 14.34
C GLY B 77 26.30 0.71 15.28
N ARG B 78 27.05 -0.36 15.07
CA ARG B 78 26.90 -1.55 15.90
C ARG B 78 27.17 -1.23 17.37
N HIS B 79 26.28 -1.70 18.24
CA HIS B 79 26.47 -1.52 19.66
C HIS B 79 27.75 -2.32 20.01
N PRO B 80 28.73 -1.68 20.65
CA PRO B 80 30.02 -2.28 21.05
C PRO B 80 29.96 -3.63 21.76
N GLU B 81 28.85 -3.91 22.44
CA GLU B 81 28.70 -5.18 23.14
C GLU B 81 27.83 -6.16 22.34
N ALA B 82 27.61 -5.87 21.07
CA ALA B 82 26.80 -6.74 20.24
C ALA B 82 27.67 -7.27 19.13
N ARG B 83 27.39 -8.49 18.74
CA ARG B 83 28.09 -9.19 17.68
C ARG B 83 27.76 -8.63 16.30
N GLU B 84 26.58 -8.03 16.17
CA GLU B 84 26.13 -7.53 14.89
C GLU B 84 25.03 -6.51 15.05
N TRP B 85 24.71 -5.83 13.95
CA TRP B 85 23.61 -4.89 13.91
C TRP B 85 23.08 -4.88 12.48
N TYR B 86 22.08 -5.72 12.23
CA TYR B 86 21.45 -5.80 10.92
C TYR B 86 20.27 -4.83 10.95
N HIS B 87 20.19 -3.93 9.98
CA HIS B 87 19.09 -2.99 9.91
C HIS B 87 18.64 -2.73 8.49
N GLN B 88 17.34 -2.72 8.26
CA GLN B 88 16.81 -2.38 6.95
C GLN B 88 16.58 -0.87 6.95
N TRP B 89 16.64 -0.25 5.78
CA TRP B 89 16.46 1.19 5.73
C TRP B 89 15.94 1.65 4.39
N VAL B 90 15.33 2.83 4.40
CA VAL B 90 14.83 3.43 3.17
C VAL B 90 15.00 4.94 3.24
N TYR B 91 15.65 5.48 2.23
CA TYR B 91 15.93 6.90 2.09
C TYR B 91 14.86 7.38 1.13
N PHE B 92 14.22 8.51 1.46
CA PHE B 92 13.13 8.99 0.61
C PHE B 92 12.79 10.48 0.79
N ARG B 93 11.99 10.97 -0.16
CA ARG B 93 11.46 12.32 -0.20
C ARG B 93 9.97 12.00 -0.07
N PRO B 94 9.28 12.62 0.89
CA PRO B 94 7.86 12.38 1.11
C PRO B 94 6.91 13.07 0.16
N ARG B 95 5.71 12.52 0.03
CA ARG B 95 4.68 13.17 -0.76
C ARG B 95 4.16 14.27 0.20
N ALA B 96 3.59 15.34 -0.34
CA ALA B 96 3.12 16.46 0.46
C ALA B 96 2.24 16.12 1.66
N TYR B 97 1.27 15.24 1.44
CA TYR B 97 0.32 14.86 2.48
C TYR B 97 0.80 13.87 3.56
N TRP B 98 2.07 13.49 3.51
CA TRP B 98 2.65 12.55 4.48
C TRP B 98 3.10 13.18 5.79
N HIS B 99 3.20 14.50 5.84
CA HIS B 99 3.71 15.12 7.06
C HIS B 99 3.03 14.84 8.39
N GLU B 100 1.71 14.67 8.38
CA GLU B 100 1.02 14.33 9.62
C GLU B 100 1.54 12.98 10.13
N TRP B 101 1.88 12.09 9.19
CA TRP B 101 2.33 10.75 9.53
C TRP B 101 3.83 10.64 9.80
N LEU B 102 4.54 11.77 9.71
CA LEU B 102 5.98 11.80 9.97
C LEU B 102 6.26 12.45 11.32
N ASN B 103 5.21 12.70 12.08
CA ASN B 103 5.34 13.30 13.41
C ASN B 103 5.50 12.17 14.46
N TRP B 104 6.73 11.72 14.67
CA TRP B 104 6.98 10.64 15.64
C TRP B 104 7.65 11.19 16.90
N PRO B 105 7.34 10.61 18.09
CA PRO B 105 7.96 11.07 19.35
C PRO B 105 9.47 10.81 19.26
N SER B 106 10.26 11.83 19.56
CA SER B 106 11.72 11.77 19.49
C SER B 106 12.42 11.08 20.66
N ILE B 107 13.47 10.33 20.34
CA ILE B 107 14.29 9.71 21.38
C ILE B 107 15.21 10.84 21.89
N PHE B 108 15.50 11.79 21.00
CA PHE B 108 16.30 12.99 21.29
C PHE B 108 16.31 13.80 20.01
N ALA B 109 16.68 15.08 20.13
CA ALA B 109 16.71 16.00 19.00
C ALA B 109 15.42 15.80 18.19
N ASN B 110 15.51 15.54 16.89
CA ASN B 110 14.30 15.26 16.12
C ASN B 110 14.39 13.86 15.47
N THR B 111 14.95 12.91 16.22
CA THR B 111 15.07 11.53 15.72
C THR B 111 13.90 10.73 16.30
N GLY B 112 12.97 10.35 15.42
CA GLY B 112 11.77 9.64 15.80
C GLY B 112 11.91 8.16 16.05
N PHE B 113 10.98 7.61 16.81
CA PHE B 113 10.96 6.19 17.16
C PHE B 113 9.54 5.63 17.14
N PHE B 114 9.41 4.41 16.64
CA PHE B 114 8.14 3.67 16.61
C PHE B 114 8.44 2.18 16.77
N ARG B 115 7.75 1.54 17.69
CA ARG B 115 7.90 0.11 17.87
C ARG B 115 6.52 -0.55 17.88
N PRO B 116 6.20 -1.32 16.83
CA PRO B 116 4.89 -2.00 16.76
C PRO B 116 4.73 -2.95 17.96
N ASP B 117 3.47 -3.24 18.33
CA ASP B 117 3.19 -4.20 19.42
C ASP B 117 3.76 -5.52 18.92
N GLU B 118 4.12 -6.42 19.82
CA GLU B 118 4.68 -7.71 19.43
C GLU B 118 3.84 -8.43 18.37
N ALA B 119 2.52 -8.33 18.51
CA ALA B 119 1.58 -8.97 17.59
C ALA B 119 1.71 -8.39 16.19
N HIS B 120 2.05 -7.10 16.10
CA HIS B 120 2.17 -6.44 14.81
C HIS B 120 3.56 -6.44 14.21
N GLN B 121 4.55 -6.81 15.02
CA GLN B 121 5.92 -6.88 14.54
C GLN B 121 6.03 -7.61 13.21
N PRO B 122 5.49 -8.84 13.12
CA PRO B 122 5.60 -9.57 11.85
C PRO B 122 5.10 -8.82 10.61
N HIS B 123 3.96 -8.18 10.71
CA HIS B 123 3.42 -7.45 9.56
C HIS B 123 4.36 -6.31 9.15
N PHE B 124 4.76 -5.48 10.10
CA PHE B 124 5.66 -4.36 9.79
C PHE B 124 6.99 -4.81 9.21
N SER B 125 7.53 -5.90 9.73
CA SER B 125 8.80 -6.41 9.23
C SER B 125 8.61 -6.87 7.78
N ASP B 126 7.51 -7.58 7.55
CA ASP B 126 7.21 -8.05 6.22
C ASP B 126 7.00 -6.86 5.28
N LEU B 127 6.26 -5.86 5.75
CA LEU B 127 5.99 -4.68 4.93
C LEU B 127 7.31 -3.96 4.59
N PHE B 128 8.17 -3.81 5.58
CA PHE B 128 9.44 -3.13 5.37
C PHE B 128 10.23 -3.85 4.29
N GLY B 129 10.26 -5.19 4.37
CA GLY B 129 10.96 -5.99 3.38
C GLY B 129 10.39 -5.79 1.99
N GLN B 130 9.06 -5.66 1.89
CA GLN B 130 8.41 -5.42 0.61
C GLN B 130 8.91 -4.10 0.04
N ILE B 131 9.15 -3.12 0.92
CA ILE B 131 9.67 -1.82 0.48
C ILE B 131 11.07 -1.99 -0.14
N ILE B 132 11.93 -2.76 0.52
CA ILE B 132 13.30 -2.99 0.01
C ILE B 132 13.26 -3.68 -1.36
N ASN B 133 12.45 -4.73 -1.47
CA ASN B 133 12.32 -5.48 -2.72
C ASN B 133 11.87 -4.57 -3.85
N ALA B 134 10.92 -3.70 -3.57
CA ALA B 134 10.43 -2.74 -4.56
C ALA B 134 11.50 -1.67 -4.83
N GLY B 135 12.08 -1.15 -3.76
CA GLY B 135 13.09 -0.11 -3.88
C GLY B 135 14.28 -0.49 -4.73
N GLN B 136 14.62 -1.78 -4.71
CA GLN B 136 15.76 -2.29 -5.46
C GLN B 136 15.40 -2.85 -6.85
N GLY B 137 14.15 -2.64 -7.26
CA GLY B 137 13.72 -3.10 -8.56
C GLY B 137 14.12 -2.07 -9.60
N GLU B 138 14.23 -2.50 -10.85
CA GLU B 138 14.63 -1.63 -11.96
C GLU B 138 13.48 -1.28 -12.91
N GLY B 139 12.30 -1.84 -12.65
CA GLY B 139 11.15 -1.57 -13.50
C GLY B 139 10.72 -0.12 -13.53
N ARG B 140 9.89 0.23 -14.51
CA ARG B 140 9.40 1.60 -14.65
C ARG B 140 8.55 2.04 -13.45
N TYR B 141 8.00 1.07 -12.73
CA TYR B 141 7.13 1.32 -11.58
C TYR B 141 7.72 0.87 -10.24
N SER B 142 8.99 0.50 -10.24
CA SER B 142 9.68 0.06 -9.01
C SER B 142 9.68 1.13 -7.90
N GLU B 143 10.14 2.34 -8.23
CA GLU B 143 10.22 3.40 -7.25
C GLU B 143 8.83 3.82 -6.76
N LEU B 144 7.89 3.91 -7.70
CA LEU B 144 6.52 4.27 -7.36
C LEU B 144 5.93 3.24 -6.39
N LEU B 145 6.25 1.97 -6.59
CA LEU B 145 5.76 0.91 -5.71
C LEU B 145 6.41 1.00 -4.33
N ALA B 146 7.71 1.27 -4.31
CA ALA B 146 8.43 1.41 -3.05
C ALA B 146 7.81 2.57 -2.25
N ILE B 147 7.58 3.69 -2.94
CA ILE B 147 6.96 4.88 -2.32
C ILE B 147 5.58 4.52 -1.75
N ASN B 148 4.80 3.77 -2.53
CA ASN B 148 3.47 3.36 -2.12
C ASN B 148 3.50 2.46 -0.90
N LEU B 149 4.47 1.54 -0.85
CA LEU B 149 4.57 0.62 0.28
C LEU B 149 5.00 1.37 1.54
N LEU B 150 5.85 2.38 1.35
CA LEU B 150 6.32 3.20 2.45
C LEU B 150 5.10 3.94 3.01
N GLU B 151 4.28 4.48 2.13
CA GLU B 151 3.06 5.19 2.54
C GLU B 151 2.16 4.24 3.33
N GLN B 152 2.10 2.98 2.91
CA GLN B 152 1.30 1.98 3.60
C GLN B 152 1.83 1.81 5.01
N LEU B 153 3.15 1.73 5.14
CA LEU B 153 3.78 1.57 6.46
C LEU B 153 3.45 2.77 7.35
N LEU B 154 3.56 3.99 6.80
CA LEU B 154 3.24 5.18 7.59
C LEU B 154 1.77 5.16 8.05
N LEU B 155 0.86 4.72 7.16
CA LEU B 155 -0.56 4.65 7.53
C LEU B 155 -0.86 3.55 8.57
N ARG B 156 -0.16 2.43 8.45
CA ARG B 156 -0.34 1.32 9.39
C ARG B 156 0.15 1.78 10.76
N ARG B 157 1.18 2.62 10.79
CA ARG B 157 1.64 3.15 12.06
C ARG B 157 0.55 4.03 12.66
N MET B 158 -0.07 4.88 11.83
CA MET B 158 -1.13 5.76 12.30
C MET B 158 -2.28 4.97 12.92
N GLU B 159 -2.64 3.86 12.29
CA GLU B 159 -3.72 3.04 12.83
C GLU B 159 -3.26 2.37 14.12
N ALA B 160 -2.00 1.91 14.13
CA ALA B 160 -1.42 1.25 15.30
C ALA B 160 -1.44 2.13 16.56
N ILE B 161 -0.93 3.35 16.44
CA ILE B 161 -0.86 4.24 17.59
C ILE B 161 -2.22 4.71 18.09
N ASN B 162 -3.23 4.64 17.23
CA ASN B 162 -4.57 5.09 17.60
C ASN B 162 -5.55 3.95 17.84
N GLU B 163 -5.04 2.72 17.85
CA GLU B 163 -5.83 1.52 18.03
C GLU B 163 -6.75 1.52 19.25
N SER B 164 -6.30 2.10 20.35
CA SER B 164 -7.12 2.14 21.56
C SER B 164 -8.32 3.09 21.42
C1 ARA C . -23.43 -1.89 -4.49
C2 ARA C . -23.22 -2.95 -5.60
C3 ARA C . -21.78 -2.96 -6.08
C4 ARA C . -21.31 -1.57 -6.47
C5 ARA C . -21.57 -0.61 -5.30
O1 ARA C . -24.78 -1.76 -4.20
O2 ARA C . -23.57 -4.25 -5.11
O3 ARA C . -21.64 -3.83 -7.20
O4 ARA C . -21.99 -1.11 -7.64
O5 ARA C . -22.97 -0.61 -4.94
C1 ARA D . 23.75 3.12 4.34
C2 ARA D . 23.63 2.85 5.84
C3 ARA D . 22.16 2.93 6.25
C4 ARA D . 21.56 4.25 5.81
C5 ARA D . 21.81 4.46 4.31
O1 ARA D . 25.08 3.13 3.98
O2 ARA D . 24.15 1.56 6.14
O3 ARA D . 22.06 2.81 7.67
O4 ARA D . 22.10 5.33 6.55
O5 ARA D . 23.22 4.39 4.03
#